data_6PVA
#
_entry.id   6PVA
#
_cell.length_a   73.012
_cell.length_b   73.012
_cell.length_c   82.172
_cell.angle_alpha   90.000
_cell.angle_beta   90.000
_cell.angle_gamma   120.000
#
_symmetry.space_group_name_H-M   'P 31 2 1'
#
loop_
_entity.id
_entity.type
_entity.pdbx_description
1 polymer 'N-terminal Xaa-Pro-Lys N-methyltransferase 1'
2 polymer "AMINO GROUP-()-LYSINE-()-LYSINE-()-PROLINE-()-AMINO-ACETALDEHYDE-()-5'-{[(3S)-3-amino-3-carboxypropyl](3-aminopropyl)amino}-5'-deoxyadenosine"
3 water water
#
loop_
_entity_poly.entity_id
_entity_poly.type
_entity_poly.pdbx_seq_one_letter_code
_entity_poly.pdbx_strand_id
1 'polypeptide(L)'
;MGSSHHHHHHSSGLVPRGSTSEVIEDEKQFYSKAKTYWKQIPPTVDGMLGGYGHISSIDINSSRKFLQRFLREGPNKTGT
SCALDCGAGIGRITKRLLLPLFREVDMVDITEDFLVQAKTYLGEEGKRVRNYFCCGLQDFTPEPDSYDVIWIQWVIGHLT
DQHLAEFLRRCKGSLRPNGIIVIKDNMAQEGVILDDVDSSVCRDLDVVRRIICSAGLSLLAEERQENLPDEIYHVYSFAL
R
;
B
2 'polypeptide(L)' (6D6)(GLZ)PKK(NH2) A
#
loop_
_chem_comp.id
_chem_comp.type
_chem_comp.name
_chem_comp.formula
6D6 non-polymer 5'-{[(3S)-3-amino-3-carboxypropyl](3-aminopropyl)amino}-5'-deoxyadenosine 'C17 H28 N8 O5'
NH2 non-polymer 'AMINO GROUP' 'H2 N'
#
# COMPACT_ATOMS: atom_id res chain seq x y z
N ARG A 17 21.42 -9.87 -5.51
CA ARG A 17 20.79 -10.48 -4.35
C ARG A 17 19.27 -10.56 -4.52
N GLY A 18 18.66 -11.62 -4.01
CA GLY A 18 17.24 -11.85 -4.23
C GLY A 18 16.42 -11.95 -2.96
N SER A 19 16.91 -11.37 -1.86
CA SER A 19 16.18 -11.38 -0.61
C SER A 19 16.62 -10.19 0.23
N THR A 20 15.76 -9.73 1.12
CA THR A 20 16.08 -8.58 1.98
C THR A 20 17.23 -8.92 2.87
N SER A 21 17.26 -10.19 3.24
CA SER A 21 18.30 -10.84 4.05
C SER A 21 19.68 -10.50 3.60
N GLU A 22 19.93 -10.55 2.31
CA GLU A 22 21.19 -10.17 1.80
C GLU A 22 21.37 -8.65 1.63
N VAL A 23 20.37 -7.92 1.16
CA VAL A 23 20.61 -6.50 0.92
C VAL A 23 20.38 -5.66 2.17
N ILE A 24 19.54 -6.13 3.10
CA ILE A 24 19.37 -5.49 4.40
C ILE A 24 20.33 -6.17 5.37
N GLU A 25 21.38 -5.46 5.76
CA GLU A 25 22.36 -6.01 6.67
C GLU A 25 22.15 -5.60 8.12
N ASP A 26 21.34 -4.58 8.37
CA ASP A 26 20.94 -4.20 9.73
C ASP A 26 19.44 -3.90 9.68
N GLU A 27 18.64 -4.85 10.18
CA GLU A 27 17.19 -4.70 10.14
C GLU A 27 16.72 -3.53 11.00
N LYS A 28 17.34 -3.36 12.17
CA LYS A 28 16.97 -2.25 13.04
C LYS A 28 17.15 -0.91 12.35
N GLN A 29 18.29 -0.72 11.68
CA GLN A 29 18.55 0.54 11.01
C GLN A 29 17.72 0.68 9.74
N PHE A 30 17.38 -0.44 9.11
CA PHE A 30 16.47 -0.40 7.96
C PHE A 30 15.15 0.25 8.32
N TYR A 31 14.63 -0.04 9.53
CA TYR A 31 13.35 0.53 9.94
C TYR A 31 13.51 1.93 10.52
N SER A 32 14.52 2.15 11.37
CA SER A 32 14.67 3.44 12.03
C SER A 32 15.04 4.54 11.03
N LYS A 33 15.83 4.21 10.01
CA LYS A 33 16.20 5.21 9.01
C LYS A 33 14.97 5.66 8.22
N ALA A 34 14.10 4.72 7.84
CA ALA A 34 12.89 5.08 7.12
C ALA A 34 11.95 5.92 7.97
N LYS A 35 11.83 5.58 9.26
CA LYS A 35 11.00 6.36 10.17
C LYS A 35 11.51 7.79 10.28
N THR A 36 12.83 7.94 10.41
CA THR A 36 13.45 9.26 10.45
C THR A 36 13.18 10.03 9.16
N TYR A 37 13.27 9.35 8.01
CA TYR A 37 13.12 10.03 6.73
C TYR A 37 11.73 10.63 6.58
N TRP A 38 10.68 9.83 6.79
CA TRP A 38 9.32 10.30 6.58
C TRP A 38 8.91 11.34 7.62
N LYS A 39 9.57 11.37 8.77
CA LYS A 39 9.25 12.34 9.81
C LYS A 39 9.45 13.77 9.36
N GLN A 40 10.40 14.00 8.44
CA GLN A 40 10.72 15.35 7.99
C GLN A 40 10.29 15.61 6.55
N ILE A 41 9.44 14.76 5.97
CA ILE A 41 8.92 14.97 4.62
C ILE A 41 7.66 15.84 4.74
N PRO A 42 7.49 16.84 3.89
CA PRO A 42 6.29 17.70 3.97
C PRO A 42 5.02 16.89 3.79
N PRO A 43 3.97 17.17 4.58
CA PRO A 43 2.71 16.41 4.50
C PRO A 43 1.84 16.87 3.33
N THR A 44 2.33 16.63 2.12
CA THR A 44 1.65 17.06 0.90
C THR A 44 1.68 15.93 -0.12
N VAL A 45 0.86 16.07 -1.16
CA VAL A 45 0.80 15.05 -2.20
C VAL A 45 2.15 14.93 -2.90
N ASP A 46 2.80 16.06 -3.17
CA ASP A 46 4.13 16.02 -3.77
C ASP A 46 5.13 15.30 -2.85
N GLY A 47 4.89 15.33 -1.55
CA GLY A 47 5.69 14.55 -0.60
C GLY A 47 5.33 13.09 -0.64
N MET A 48 4.04 12.79 -0.75
CA MET A 48 3.59 11.39 -0.88
C MET A 48 4.14 10.72 -2.13
N LEU A 49 4.54 11.48 -3.14
CA LEU A 49 4.91 10.91 -4.43
C LEU A 49 6.33 11.26 -4.87
N GLY A 50 7.14 11.81 -3.97
CA GLY A 50 8.53 12.12 -4.29
C GLY A 50 8.72 12.94 -5.55
N GLY A 51 7.94 14.01 -5.70
CA GLY A 51 8.03 14.85 -6.87
C GLY A 51 7.28 14.36 -8.09
N TYR A 52 6.48 13.30 -7.95
CA TYR A 52 5.68 12.78 -9.06
C TYR A 52 4.18 12.97 -8.82
N GLY A 53 3.82 14.08 -8.18
CA GLY A 53 2.42 14.39 -7.97
C GLY A 53 1.62 14.46 -9.26
N HIS A 54 2.28 14.74 -10.38
CA HIS A 54 1.59 14.90 -11.65
C HIS A 54 1.05 13.59 -12.21
N ILE A 55 1.33 12.45 -11.58
CA ILE A 55 0.75 11.18 -12.02
C ILE A 55 -0.28 10.65 -11.04
N SER A 56 -0.64 11.45 -10.02
CA SER A 56 -1.60 10.97 -9.02
C SER A 56 -2.91 10.58 -9.66
N SER A 57 -3.44 11.45 -10.55
CA SER A 57 -4.72 11.16 -11.19
C SER A 57 -4.64 9.92 -12.08
N ILE A 58 -3.56 9.81 -12.87
CA ILE A 58 -3.34 8.61 -13.67
C ILE A 58 -3.32 7.38 -12.78
N ASP A 59 -2.63 7.46 -11.66
CA ASP A 59 -2.57 6.34 -10.71
C ASP A 59 -3.96 5.99 -10.18
N ILE A 60 -4.71 6.99 -9.74
CA ILE A 60 -6.01 6.73 -9.12
C ILE A 60 -6.99 6.15 -10.13
N ASN A 61 -6.97 6.66 -11.37
CA ASN A 61 -7.89 6.16 -12.40
C ASN A 61 -7.69 4.67 -12.63
N SER A 62 -6.43 4.23 -12.76
CA SER A 62 -6.16 2.82 -12.98
C SER A 62 -6.53 1.98 -11.76
N SER A 63 -6.25 2.49 -10.56
CA SER A 63 -6.64 1.78 -9.35
C SER A 63 -8.15 1.60 -9.28
N ARG A 64 -8.90 2.63 -9.69
CA ARG A 64 -10.36 2.54 -9.67
C ARG A 64 -10.86 1.46 -10.62
N LYS A 65 -10.39 1.47 -11.87
CA LYS A 65 -10.79 0.43 -12.82
C LYS A 65 -10.40 -0.95 -12.32
N PHE A 66 -9.20 -1.08 -11.75
CA PHE A 66 -8.75 -2.38 -11.24
C PHE A 66 -9.66 -2.88 -10.13
N LEU A 67 -10.13 -1.97 -9.28
CA LEU A 67 -10.94 -2.37 -8.12
C LEU A 67 -12.41 -2.57 -8.48
N GLN A 68 -12.92 -1.84 -9.46
CA GLN A 68 -14.34 -1.93 -9.83
C GLN A 68 -14.70 -3.33 -10.32
N ARG A 69 -13.74 -4.07 -10.86
CA ARG A 69 -14.00 -5.44 -11.30
C ARG A 69 -14.47 -6.31 -10.15
N PHE A 70 -13.89 -6.13 -8.97
CA PHE A 70 -14.26 -6.95 -7.83
C PHE A 70 -15.49 -6.42 -7.10
N LEU A 71 -15.76 -5.12 -7.21
CA LEU A 71 -16.90 -4.54 -6.50
C LEU A 71 -18.22 -4.72 -7.25
N ARG A 72 -18.16 -4.83 -8.58
CA ARG A 72 -19.37 -4.91 -9.39
C ARG A 72 -19.69 -6.34 -9.80
N GLU A 73 -18.79 -6.96 -10.57
CA GLU A 73 -19.06 -8.27 -11.14
C GLU A 73 -19.03 -9.36 -10.06
N GLY A 74 -20.18 -10.02 -9.87
CA GLY A 74 -20.30 -11.09 -8.89
C GLY A 74 -19.79 -12.42 -9.43
N PRO A 75 -20.33 -13.54 -8.91
CA PRO A 75 -21.40 -13.65 -7.92
C PRO A 75 -20.90 -13.59 -6.46
N ASN A 76 -19.59 -13.66 -6.26
CA ASN A 76 -19.00 -13.47 -4.94
C ASN A 76 -18.41 -12.08 -4.80
N LYS A 77 -19.22 -11.06 -5.08
CA LYS A 77 -18.72 -9.70 -5.21
C LYS A 77 -18.21 -9.18 -3.88
N THR A 78 -17.22 -8.28 -3.96
CA THR A 78 -16.64 -7.68 -2.77
C THR A 78 -17.58 -6.61 -2.23
N GLY A 79 -17.69 -6.53 -0.90
CA GLY A 79 -18.57 -5.57 -0.28
C GLY A 79 -18.00 -4.16 -0.32
N THR A 80 -18.85 -3.19 0.05
CA THR A 80 -18.47 -1.79 0.05
C THR A 80 -18.61 -1.15 1.43
N SER A 81 -18.50 -1.94 2.50
CA SER A 81 -18.75 -1.41 3.83
C SER A 81 -17.53 -0.70 4.39
N CYS A 82 -16.34 -1.28 4.25
CA CYS A 82 -15.18 -0.74 4.93
C CYS A 82 -13.90 -1.15 4.24
N ALA A 83 -12.95 -0.23 4.18
CA ALA A 83 -11.64 -0.47 3.57
C ALA A 83 -10.54 0.00 4.52
N LEU A 84 -9.38 -0.64 4.42
CA LEU A 84 -8.19 -0.26 5.17
C LEU A 84 -7.14 0.24 4.20
N ASP A 85 -6.58 1.42 4.48
CA ASP A 85 -5.55 2.05 3.66
C ASP A 85 -4.23 1.96 4.43
N CYS A 86 -3.34 1.07 3.98
CA CYS A 86 -2.09 0.79 4.67
C CYS A 86 -0.97 1.69 4.12
N GLY A 87 -0.18 2.25 5.01
CA GLY A 87 0.78 3.28 4.61
C GLY A 87 0.08 4.43 3.94
N ALA A 88 -1.02 4.91 4.53
CA ALA A 88 -1.93 5.83 3.87
C ALA A 88 -1.37 7.22 3.70
N GLY A 89 -0.34 7.59 4.46
CA GLY A 89 0.17 8.95 4.39
C GLY A 89 -0.88 9.95 4.81
N ILE A 90 -0.97 11.05 4.06
CA ILE A 90 -1.99 12.06 4.34
C ILE A 90 -3.35 11.69 3.78
N GLY A 91 -3.49 10.51 3.17
CA GLY A 91 -4.75 10.08 2.64
C GLY A 91 -4.99 10.35 1.16
N ARG A 92 -3.93 10.43 0.35
CA ARG A 92 -4.09 10.63 -1.09
C ARG A 92 -5.03 9.60 -1.69
N ILE A 93 -4.84 8.33 -1.33
CA ILE A 93 -5.67 7.26 -1.88
C ILE A 93 -7.02 7.21 -1.18
N THR A 94 -7.04 7.37 0.14
CA THR A 94 -8.29 7.40 0.89
C THR A 94 -9.25 8.44 0.32
N LYS A 95 -8.71 9.59 -0.08
CA LYS A 95 -9.56 10.72 -0.48
C LYS A 95 -10.22 10.46 -1.83
N ARG A 96 -9.44 10.07 -2.84
N ARG A 96 -9.45 10.05 -2.83
CA ARG A 96 -9.93 9.98 -4.21
CA ARG A 96 -9.94 9.99 -4.20
C ARG A 96 -10.28 8.58 -4.67
C ARG A 96 -10.26 8.58 -4.69
N LEU A 97 -9.76 7.54 -4.01
CA LEU A 97 -10.07 6.16 -4.41
C LEU A 97 -11.07 5.49 -3.46
N LEU A 98 -10.78 5.48 -2.16
CA LEU A 98 -11.51 4.60 -1.25
C LEU A 98 -12.79 5.23 -0.74
N LEU A 99 -12.73 6.47 -0.25
CA LEU A 99 -13.92 7.11 0.29
C LEU A 99 -15.08 7.20 -0.69
N PRO A 100 -14.89 7.45 -1.99
CA PRO A 100 -16.03 7.41 -2.91
C PRO A 100 -16.64 6.02 -3.08
N LEU A 101 -15.89 4.94 -2.81
CA LEU A 101 -16.37 3.60 -3.06
C LEU A 101 -16.80 2.84 -1.80
N PHE A 102 -16.31 3.23 -0.63
CA PHE A 102 -16.57 2.50 0.60
C PHE A 102 -17.20 3.41 1.64
N ARG A 103 -18.13 2.84 2.41
CA ARG A 103 -18.88 3.63 3.36
C ARG A 103 -17.98 4.21 4.45
N GLU A 104 -17.02 3.42 4.93
CA GLU A 104 -16.08 3.84 5.95
C GLU A 104 -14.68 3.36 5.57
N VAL A 105 -13.67 4.10 6.04
CA VAL A 105 -12.27 3.78 5.75
C VAL A 105 -11.45 3.94 7.02
N ASP A 106 -10.58 2.97 7.30
CA ASP A 106 -9.55 3.10 8.32
C ASP A 106 -8.21 3.39 7.64
N MET A 107 -7.38 4.18 8.32
CA MET A 107 -6.04 4.49 7.84
C MET A 107 -5.02 4.02 8.86
N VAL A 108 -3.88 3.53 8.38
CA VAL A 108 -2.76 3.17 9.24
C VAL A 108 -1.47 3.66 8.58
N ASP A 109 -0.61 4.29 9.38
CA ASP A 109 0.63 4.85 8.89
C ASP A 109 1.54 5.09 10.09
N ILE A 110 2.85 5.02 9.84
CA ILE A 110 3.81 5.16 10.93
C ILE A 110 4.13 6.61 11.26
N THR A 111 3.83 7.55 10.36
CA THR A 111 4.25 8.94 10.50
C THR A 111 3.10 9.76 11.08
N GLU A 112 3.28 10.22 12.33
CA GLU A 112 2.24 10.99 13.02
C GLU A 112 1.84 12.23 12.23
N ASP A 113 2.83 12.94 11.67
CA ASP A 113 2.54 14.18 10.95
C ASP A 113 1.59 13.96 9.79
N PHE A 114 1.65 12.78 9.16
CA PHE A 114 0.78 12.51 8.02
C PHE A 114 -0.65 12.25 8.47
N LEU A 115 -0.82 11.53 9.58
CA LEU A 115 -2.15 11.28 10.10
C LEU A 115 -2.80 12.58 10.60
N VAL A 116 -2.01 13.46 11.20
CA VAL A 116 -2.53 14.74 11.67
C VAL A 116 -2.98 15.59 10.48
N GLN A 117 -2.14 15.67 9.45
CA GLN A 117 -2.50 16.45 8.26
C GLN A 117 -3.68 15.84 7.52
N ALA A 118 -3.82 14.52 7.59
CA ALA A 118 -4.91 13.85 6.88
C ALA A 118 -6.28 14.39 7.29
N LYS A 119 -6.43 14.79 8.56
CA LYS A 119 -7.69 15.38 9.00
C LYS A 119 -8.06 16.59 8.15
N THR A 120 -7.09 17.48 7.92
CA THR A 120 -7.36 18.66 7.10
C THR A 120 -7.44 18.27 5.63
N TYR A 121 -6.51 17.44 5.16
CA TYR A 121 -6.44 17.12 3.73
C TYR A 121 -7.72 16.46 3.24
N LEU A 122 -8.30 15.56 4.05
CA LEU A 122 -9.44 14.78 3.58
C LEU A 122 -10.73 15.61 3.52
N GLY A 123 -10.77 16.78 4.15
CA GLY A 123 -11.93 17.63 4.02
C GLY A 123 -13.16 17.07 4.75
N GLU A 124 -14.33 17.43 4.23
CA GLU A 124 -15.58 17.02 4.88
C GLU A 124 -15.83 15.53 4.75
N GLU A 125 -15.45 14.91 3.62
CA GLU A 125 -15.62 13.47 3.48
C GLU A 125 -14.70 12.69 4.41
N GLY A 126 -13.65 13.33 4.92
CA GLY A 126 -12.78 12.71 5.91
C GLY A 126 -13.48 12.33 7.20
N LYS A 127 -14.71 12.81 7.41
CA LYS A 127 -15.47 12.41 8.59
C LYS A 127 -15.82 10.93 8.58
N ARG A 128 -15.83 10.30 7.41
CA ARG A 128 -16.12 8.87 7.30
C ARG A 128 -14.87 8.01 7.49
N VAL A 129 -13.75 8.61 7.89
CA VAL A 129 -12.59 7.85 8.31
C VAL A 129 -12.76 7.50 9.79
N ARG A 130 -12.82 6.20 10.09
CA ARG A 130 -13.20 5.75 11.42
C ARG A 130 -12.02 5.75 12.38
N ASN A 131 -10.87 5.21 11.94
CA ASN A 131 -9.69 5.11 12.79
C ASN A 131 -8.44 5.61 12.07
N TYR A 132 -7.63 6.36 12.78
CA TYR A 132 -6.32 6.84 12.31
C TYR A 132 -5.25 6.07 13.10
N PHE A 133 -4.97 4.85 12.67
CA PHE A 133 -3.99 4.03 13.38
C PHE A 133 -2.59 4.54 13.12
N CYS A 134 -1.81 4.75 14.19
CA CYS A 134 -0.40 5.13 14.08
C CYS A 134 0.44 3.92 14.48
N CYS A 135 0.97 3.23 13.48
CA CYS A 135 1.69 1.98 13.74
C CYS A 135 2.47 1.60 12.50
N GLY A 136 3.66 1.05 12.70
CA GLY A 136 4.34 0.37 11.61
C GLY A 136 3.60 -0.90 11.24
N LEU A 137 3.54 -1.19 9.93
CA LEU A 137 2.80 -2.36 9.47
C LEU A 137 3.37 -3.65 10.06
N GLN A 138 4.67 -3.65 10.40
CA GLN A 138 5.28 -4.85 10.97
C GLN A 138 4.80 -5.12 12.39
N ASP A 139 4.15 -4.15 13.04
CA ASP A 139 3.63 -4.32 14.38
C ASP A 139 2.10 -4.23 14.43
N PHE A 140 1.45 -4.18 13.27
CA PHE A 140 0.03 -3.84 13.18
C PHE A 140 -0.79 -5.10 12.91
N THR A 141 -1.89 -5.24 13.66
CA THR A 141 -2.84 -6.34 13.47
C THR A 141 -4.21 -5.76 13.16
N PRO A 142 -4.66 -5.83 11.91
CA PRO A 142 -6.03 -5.39 11.61
C PRO A 142 -7.05 -6.32 12.27
N GLU A 143 -8.17 -5.74 12.68
CA GLU A 143 -9.17 -6.49 13.42
C GLU A 143 -9.81 -7.55 12.55
N PRO A 144 -10.03 -8.76 13.08
CA PRO A 144 -10.65 -9.83 12.29
C PRO A 144 -12.01 -9.42 11.74
N ASP A 145 -12.30 -9.87 10.52
CA ASP A 145 -13.61 -9.73 9.89
C ASP A 145 -14.07 -8.27 9.88
N SER A 146 -13.21 -7.40 9.36
CA SER A 146 -13.45 -5.96 9.41
C SER A 146 -13.45 -5.26 8.06
N TYR A 147 -12.73 -5.77 7.05
CA TYR A 147 -12.47 -4.98 5.85
C TYR A 147 -12.88 -5.75 4.59
N ASP A 148 -13.60 -5.05 3.70
CA ASP A 148 -13.86 -5.59 2.37
C ASP A 148 -12.65 -5.47 1.46
N VAL A 149 -11.84 -4.42 1.64
CA VAL A 149 -10.66 -4.21 0.82
C VAL A 149 -9.55 -3.66 1.71
N ILE A 150 -8.36 -4.23 1.61
CA ILE A 150 -7.17 -3.73 2.28
C ILE A 150 -6.21 -3.26 1.18
N TRP A 151 -5.94 -1.96 1.14
CA TRP A 151 -5.16 -1.34 0.07
C TRP A 151 -3.76 -1.02 0.60
N ILE A 152 -2.74 -1.56 -0.07
CA ILE A 152 -1.35 -1.45 0.38
C ILE A 152 -0.54 -0.93 -0.79
N GLN A 153 -0.34 0.38 -0.86
CA GLN A 153 0.32 0.99 -2.00
C GLN A 153 1.61 1.70 -1.59
N TRP A 154 2.70 1.34 -2.28
CA TRP A 154 3.99 2.03 -2.16
C TRP A 154 4.51 2.02 -0.73
N VAL A 155 4.40 0.86 -0.06
CA VAL A 155 4.89 0.75 1.31
C VAL A 155 5.47 -0.65 1.59
N ILE A 156 5.18 -1.63 0.73
CA ILE A 156 5.72 -2.97 1.01
C ILE A 156 7.24 -2.98 0.94
N GLY A 157 7.84 -2.04 0.23
CA GLY A 157 9.29 -1.92 0.21
C GLY A 157 9.90 -1.51 1.54
N HIS A 158 9.08 -1.06 2.50
CA HIS A 158 9.56 -0.69 3.82
C HIS A 158 9.50 -1.84 4.82
N LEU A 159 9.10 -3.03 4.38
CA LEU A 159 9.07 -4.21 5.24
C LEU A 159 10.07 -5.24 4.72
N THR A 160 10.65 -6.00 5.65
CA THR A 160 11.47 -7.14 5.27
C THR A 160 10.60 -8.21 4.63
N ASP A 161 11.26 -9.15 3.95
CA ASP A 161 10.53 -10.25 3.30
C ASP A 161 9.65 -10.99 4.29
N GLN A 162 10.18 -11.27 5.48
CA GLN A 162 9.43 -12.05 6.47
C GLN A 162 8.28 -11.23 7.04
N HIS A 163 8.55 -9.98 7.42
CA HIS A 163 7.49 -9.14 7.99
C HIS A 163 6.38 -8.89 7.00
N LEU A 164 6.71 -8.70 5.73
CA LEU A 164 5.68 -8.53 4.71
C LEU A 164 4.77 -9.75 4.63
N ALA A 165 5.38 -10.95 4.59
CA ALA A 165 4.59 -12.17 4.55
C ALA A 165 3.68 -12.28 5.77
N GLU A 166 4.23 -12.03 6.95
CA GLU A 166 3.44 -12.15 8.18
C GLU A 166 2.37 -11.06 8.27
N PHE A 167 2.64 -9.86 7.75
CA PHE A 167 1.62 -8.83 7.71
C PHE A 167 0.49 -9.20 6.76
N LEU A 168 0.85 -9.73 5.58
CA LEU A 168 -0.17 -10.17 4.63
C LEU A 168 -1.04 -11.28 5.24
N ARG A 169 -0.43 -12.16 6.03
CA ARG A 169 -1.21 -13.21 6.67
C ARG A 169 -2.15 -12.64 7.73
N ARG A 170 -1.71 -11.63 8.47
CA ARG A 170 -2.61 -10.97 9.41
C ARG A 170 -3.72 -10.22 8.69
N CYS A 171 -3.41 -9.63 7.53
CA CYS A 171 -4.45 -9.00 6.72
C CYS A 171 -5.50 -10.01 6.27
N LYS A 172 -5.05 -11.21 5.91
CA LYS A 172 -5.99 -12.25 5.47
C LYS A 172 -7.06 -12.52 6.52
N GLY A 173 -6.66 -12.54 7.80
CA GLY A 173 -7.60 -12.77 8.88
C GLY A 173 -8.55 -11.61 9.16
N SER A 174 -8.31 -10.44 8.56
CA SER A 174 -9.15 -9.28 8.79
C SER A 174 -10.14 -9.04 7.66
N LEU A 175 -10.11 -9.86 6.61
CA LEU A 175 -11.02 -9.68 5.49
C LEU A 175 -12.41 -10.20 5.82
N ARG A 176 -13.42 -9.45 5.40
CA ARG A 176 -14.79 -9.92 5.42
C ARG A 176 -14.97 -10.98 4.33
N PRO A 177 -16.09 -11.69 4.31
CA PRO A 177 -16.34 -12.62 3.21
C PRO A 177 -16.26 -11.92 1.85
N ASN A 178 -15.56 -12.56 0.91
CA ASN A 178 -15.31 -12.08 -0.44
C ASN A 178 -14.37 -10.88 -0.49
N GLY A 179 -13.75 -10.50 0.63
CA GLY A 179 -12.84 -9.38 0.64
C GLY A 179 -11.54 -9.71 -0.07
N ILE A 180 -10.80 -8.65 -0.43
CA ILE A 180 -9.53 -8.81 -1.14
C ILE A 180 -8.51 -7.86 -0.56
N ILE A 181 -7.24 -8.26 -0.66
CA ILE A 181 -6.09 -7.40 -0.43
C ILE A 181 -5.56 -6.95 -1.78
N VAL A 182 -5.19 -5.68 -1.89
CA VAL A 182 -4.58 -5.13 -3.10
C VAL A 182 -3.22 -4.56 -2.75
N ILE A 183 -2.19 -5.01 -3.46
CA ILE A 183 -0.85 -4.44 -3.38
C ILE A 183 -0.58 -3.72 -4.70
N LYS A 184 -0.13 -2.47 -4.61
CA LYS A 184 0.30 -1.71 -5.78
C LYS A 184 1.63 -1.06 -5.44
N ASP A 185 2.69 -1.37 -6.20
CA ASP A 185 4.01 -0.92 -5.81
C ASP A 185 4.95 -0.97 -7.01
N ASN A 186 6.15 -0.41 -6.80
CA ASN A 186 7.21 -0.47 -7.79
C ASN A 186 7.80 -1.87 -7.84
N MET A 187 8.22 -2.28 -9.04
CA MET A 187 8.89 -3.55 -9.24
C MET A 187 10.27 -3.31 -9.84
N ALA A 188 11.27 -4.04 -9.32
CA ALA A 188 12.61 -3.97 -9.87
C ALA A 188 12.70 -4.82 -11.13
N GLN A 189 13.64 -4.46 -12.01
CA GLN A 189 13.87 -5.25 -13.20
C GLN A 189 14.41 -6.62 -12.86
N GLU A 190 15.19 -6.72 -11.79
CA GLU A 190 15.79 -8.00 -11.37
C GLU A 190 16.33 -7.86 -9.95
N GLY A 191 16.06 -8.87 -9.11
CA GLY A 191 16.61 -8.89 -7.77
C GLY A 191 15.90 -7.94 -6.82
N VAL A 192 16.62 -7.59 -5.75
CA VAL A 192 16.15 -6.67 -4.73
C VAL A 192 17.13 -5.51 -4.64
N ILE A 193 16.64 -4.29 -4.78
CA ILE A 193 17.46 -3.09 -4.80
C ILE A 193 17.11 -2.24 -3.58
N LEU A 194 18.14 -1.82 -2.85
CA LEU A 194 17.96 -0.98 -1.68
C LEU A 194 18.08 0.50 -2.07
N ASP A 195 17.12 1.30 -1.63
CA ASP A 195 17.16 2.75 -1.81
C ASP A 195 17.69 3.36 -0.51
N ASP A 196 18.90 3.92 -0.57
CA ASP A 196 19.54 4.51 0.60
C ASP A 196 18.97 5.86 0.97
N VAL A 197 18.09 6.43 0.16
CA VAL A 197 17.50 7.73 0.48
C VAL A 197 16.40 7.57 1.53
N ASP A 198 15.40 6.74 1.23
CA ASP A 198 14.26 6.56 2.13
C ASP A 198 14.28 5.24 2.88
N SER A 199 15.32 4.43 2.70
CA SER A 199 15.48 3.15 3.40
C SER A 199 14.33 2.20 3.08
N SER A 200 14.22 1.86 1.80
CA SER A 200 13.23 0.90 1.31
C SER A 200 13.89 0.01 0.26
N VAL A 201 13.22 -1.09 -0.07
CA VAL A 201 13.71 -2.00 -1.09
C VAL A 201 12.68 -2.08 -2.21
N CYS A 202 13.17 -2.51 -3.38
CA CYS A 202 12.35 -2.72 -4.56
C CYS A 202 12.65 -4.12 -5.09
N ARG A 203 11.61 -4.94 -5.24
CA ARG A 203 11.76 -6.34 -5.60
C ARG A 203 11.16 -6.60 -6.98
N ASP A 204 11.71 -7.59 -7.68
CA ASP A 204 11.17 -7.91 -9.00
C ASP A 204 9.91 -8.78 -8.86
N LEU A 205 9.26 -9.02 -10.01
CA LEU A 205 8.00 -9.74 -10.02
C LEU A 205 8.11 -11.12 -9.38
N ASP A 206 9.18 -11.86 -9.71
CA ASP A 206 9.31 -13.21 -9.19
C ASP A 206 9.39 -13.21 -7.66
N VAL A 207 10.13 -12.25 -7.10
CA VAL A 207 10.27 -12.21 -5.64
C VAL A 207 8.95 -11.87 -4.97
N VAL A 208 8.21 -10.91 -5.53
CA VAL A 208 6.95 -10.49 -4.92
C VAL A 208 5.92 -11.63 -4.97
N ARG A 209 5.76 -12.25 -6.14
CA ARG A 209 4.83 -13.37 -6.26
C ARG A 209 5.18 -14.49 -5.30
N ARG A 210 6.47 -14.80 -5.18
CA ARG A 210 6.90 -15.85 -4.26
C ARG A 210 6.54 -15.49 -2.82
N ILE A 211 6.81 -14.24 -2.41
CA ILE A 211 6.46 -13.82 -1.06
C ILE A 211 4.95 -13.90 -0.85
N ILE A 212 4.17 -13.51 -1.84
CA ILE A 212 2.71 -13.59 -1.74
C ILE A 212 2.26 -15.04 -1.66
N CYS A 213 2.60 -15.84 -2.68
CA CYS A 213 2.06 -17.19 -2.80
C CYS A 213 2.58 -18.08 -1.70
N SER A 214 3.87 -17.99 -1.38
CA SER A 214 4.44 -18.80 -0.31
C SER A 214 4.03 -18.30 1.08
N ALA A 215 3.24 -17.23 1.17
CA ALA A 215 2.67 -16.80 2.45
C ALA A 215 1.26 -17.32 2.67
N GLY A 216 0.71 -18.08 1.72
CA GLY A 216 -0.63 -18.62 1.88
C GLY A 216 -1.75 -17.77 1.34
N LEU A 217 -1.45 -16.85 0.42
CA LEU A 217 -2.46 -16.02 -0.22
C LEU A 217 -2.57 -16.39 -1.69
N SER A 218 -3.79 -16.33 -2.21
CA SER A 218 -4.04 -16.65 -3.62
C SER A 218 -4.00 -15.38 -4.44
N LEU A 219 -3.31 -15.40 -5.56
CA LEU A 219 -3.27 -14.29 -6.46
C LEU A 219 -4.48 -14.35 -7.36
N LEU A 220 -5.33 -13.34 -7.30
CA LEU A 220 -6.55 -13.29 -8.09
C LEU A 220 -6.39 -12.50 -9.39
N ALA A 221 -5.59 -11.44 -9.36
CA ALA A 221 -5.39 -10.62 -10.55
C ALA A 221 -4.01 -9.97 -10.47
N GLU A 222 -3.50 -9.60 -11.64
CA GLU A 222 -2.19 -8.99 -11.75
C GLU A 222 -2.18 -8.08 -12.98
N GLU A 223 -1.77 -6.84 -12.81
CA GLU A 223 -1.88 -5.85 -13.89
C GLU A 223 -0.76 -4.83 -13.80
N ARG A 224 -0.03 -4.68 -14.89
CA ARG A 224 1.00 -3.67 -14.98
C ARG A 224 0.37 -2.31 -15.27
N GLN A 225 0.86 -1.27 -14.58
CA GLN A 225 0.37 0.09 -14.79
C GLN A 225 0.95 0.66 -16.08
N GLU A 226 0.07 1.09 -16.98
CA GLU A 226 0.48 1.67 -18.24
C GLU A 226 0.48 3.20 -18.16
N ASN A 227 1.07 3.83 -19.18
CA ASN A 227 1.10 5.28 -19.35
C ASN A 227 1.92 5.99 -18.28
N LEU A 228 2.87 5.30 -17.65
CA LEU A 228 3.75 5.95 -16.68
C LEU A 228 4.90 6.66 -17.37
N PRO A 229 5.52 7.63 -16.69
CA PRO A 229 6.77 8.21 -17.19
C PRO A 229 7.79 7.14 -17.51
N ASP A 230 8.59 7.40 -18.55
CA ASP A 230 9.56 6.41 -19.02
C ASP A 230 10.66 6.14 -18.01
N GLU A 231 10.98 7.10 -17.16
CA GLU A 231 12.18 7.02 -16.34
C GLU A 231 11.97 6.30 -15.00
N ILE A 232 10.74 5.90 -14.66
CA ILE A 232 10.46 5.35 -13.34
C ILE A 232 10.31 3.84 -13.41
N TYR A 233 10.51 3.18 -12.27
CA TYR A 233 10.26 1.75 -12.14
C TYR A 233 8.85 1.41 -12.60
N HIS A 234 8.71 0.21 -13.16
CA HIS A 234 7.38 -0.31 -13.48
C HIS A 234 6.57 -0.49 -12.21
N VAL A 235 5.25 -0.34 -12.34
CA VAL A 235 4.32 -0.45 -11.22
C VAL A 235 3.31 -1.55 -11.53
N TYR A 236 3.07 -2.42 -10.57
CA TYR A 236 2.13 -3.53 -10.71
C TYR A 236 1.08 -3.48 -9.62
N SER A 237 -0.14 -3.90 -9.96
CA SER A 237 -1.22 -4.10 -9.00
C SER A 237 -1.52 -5.59 -8.89
N PHE A 238 -1.71 -6.05 -7.65
CA PHE A 238 -2.06 -7.44 -7.36
C PHE A 238 -3.32 -7.46 -6.51
N ALA A 239 -4.24 -8.36 -6.84
CA ALA A 239 -5.40 -8.65 -5.99
C ALA A 239 -5.23 -10.04 -5.39
N LEU A 240 -5.48 -10.16 -4.09
CA LEU A 240 -5.21 -11.41 -3.39
C LEU A 240 -6.18 -11.58 -2.23
N ARG A 241 -6.35 -12.83 -1.83
CA ARG A 241 -7.12 -13.16 -0.62
C ARG A 241 -6.71 -14.53 -0.08
C1 6D6 B 1 6.60 7.31 -1.78
C2 6D6 B 1 5.54 6.56 -0.89
C3 6D6 B 1 4.95 7.59 0.13
C4 6D6 B 1 2.82 6.35 0.31
C5 6D6 B 1 0.30 6.46 0.13
C6 6D6 B 1 4.71 5.91 1.87
C7 6D6 B 1 4.53 7.00 4.08
C8 6D6 B 1 6.71 3.95 5.81
C9 6D6 B 1 6.08 2.35 7.22
N2 6D6 B 1 4.00 6.94 1.06
C10 6D6 B 1 1.55 7.10 0.76
N3 6D6 B 1 0.44 5.03 0.16
C11 6D6 B 1 0.18 6.94 -1.32
O1 6D6 B 1 0.33 6.11 -2.26
O2 6D6 B 1 -0.08 8.15 -1.57
C12 6D6 B 1 4.08 5.88 3.23
O3 6D6 B 1 4.48 4.58 3.93
C13 6D6 B 1 4.70 5.05 5.34
C14 6D6 B 1 5.25 6.42 5.21
O4 6D6 B 1 4.95 7.18 6.42
O5 6D6 B 1 3.36 7.72 4.55
N4 6D6 B 1 5.52 4.08 5.99
N5 6D6 B 1 7.11 3.02 6.46
C15 6D6 B 1 5.99 1.42 7.97
N6 6D6 B 1 7.18 0.66 8.32
N7 6D6 B 1 4.90 1.05 8.50
C16 6D6 B 1 3.61 1.71 8.26
N8 6D6 B 1 3.66 2.89 7.31
C17 6D6 B 1 4.90 3.13 6.85
N GLZ B 2 7.07 6.38 -2.89
CA GLZ B 2 6.13 6.49 -4.05
C GLZ B 2 6.89 6.04 -5.31
O GLZ B 2 7.78 5.25 -5.23
N PRO B 3 6.53 6.61 -6.62
CA PRO B 3 7.21 6.24 -7.78
C PRO B 3 8.72 6.64 -7.65
N LYS B 4 9.77 5.79 -8.29
CA LYS B 4 11.19 6.18 -8.16
C LYS B 4 11.83 6.11 -9.52
N LYS B 5 13.02 6.92 -9.80
CA LYS B 5 13.66 6.85 -11.11
C LYS B 5 14.44 5.53 -11.17
N NH2 B 6 14.54 4.82 -12.43
#